data_7XS4
#
_entry.id   7XS4
#
_cell.length_a   63.164
_cell.length_b   63.264
_cell.length_c   81.387
_cell.angle_alpha   90.000
_cell.angle_beta   90.000
_cell.angle_gamma   90.000
#
_symmetry.space_group_name_H-M   'P 21 21 21'
#
loop_
_entity.id
_entity.type
_entity.pdbx_description
1 polymer 'UTP:RNA uridylyltransferase 1'
2 polymer "RNA (5'-R(*AP*AP*AP*U)-3')"
3 water water
#
loop_
_entity_poly.entity_id
_entity_poly.type
_entity_poly.pdbx_seq_one_letter_code
_entity_poly.pdbx_strand_id
1 'polypeptide(L)'
;MGHHHHHHMGQRLLGQKARMVKMYMACRNDIHRYDATFIAIYKSLIPAEEELEKQRQLMAHLENLVAKEWPHAKLYLYGS
CANSFGFPKSDIDVCLAIEGDDINKSEMLLKLAEILESDNLQNVQALTRARVPIVKLMDPVTGISCAICINNVLAVVNTK
LLRDYAQIDVRLRQLAFIVKHWAKSRRVNETYQGTLSSYAYVLMCIHFLQQRRPPILPCLQEMEPTYSVRVDNIRCTYFD
NVDRLRNFGSNNRETIAELVWGFFNYWAYAHDYAYNVVSVRTGSILGKREKDWTRRVGNDRHLICIEDPFETSHDLGRVV
DKFSIRVLREEFERAARIMHQDPNPCAKLLEPYIPEDNNGQGHN
;
A
2 'polyribonucleotide' AAAU B
#
loop_
_chem_comp.id
_chem_comp.type
_chem_comp.name
_chem_comp.formula
A RNA linking ADENOSINE-5'-MONOPHOSPHATE 'C10 H14 N5 O7 P'
U RNA linking URIDINE-5'-MONOPHOSPHATE 'C9 H13 N2 O9 P'
#
# COMPACT_ATOMS: atom_id res chain seq x y z
N MET A 25 10.57 7.46 -26.09
CA MET A 25 10.17 6.08 -26.33
C MET A 25 8.64 5.93 -26.28
N ALA A 26 8.07 5.36 -27.33
CA ALA A 26 6.64 5.09 -27.40
C ALA A 26 6.36 3.64 -27.05
N CYS A 27 5.16 3.41 -26.50
CA CYS A 27 4.72 2.06 -26.15
C CYS A 27 4.69 1.18 -27.39
N ARG A 28 5.13 -0.08 -27.23
CA ARG A 28 5.11 -1.04 -28.32
C ARG A 28 3.73 -1.11 -28.95
N ASN A 29 3.67 -1.19 -30.27
CA ASN A 29 2.37 -1.13 -30.92
C ASN A 29 1.62 -2.46 -30.88
N ASP A 30 2.24 -3.53 -30.42
CA ASP A 30 1.57 -4.81 -30.19
C ASP A 30 1.16 -5.00 -28.74
N ILE A 31 1.07 -3.91 -27.96
CA ILE A 31 0.89 -4.03 -26.51
C ILE A 31 -0.41 -4.76 -26.15
N HIS A 32 -1.45 -4.64 -26.99
CA HIS A 32 -2.75 -5.18 -26.61
C HIS A 32 -2.83 -6.70 -26.74
N ARG A 33 -1.83 -7.33 -27.38
CA ARG A 33 -1.77 -8.79 -27.37
C ARG A 33 -1.62 -9.35 -25.96
N TYR A 34 -1.19 -8.53 -25.01
CA TYR A 34 -0.84 -8.98 -23.68
C TYR A 34 -1.82 -8.53 -22.61
N ASP A 35 -2.87 -7.78 -22.97
CA ASP A 35 -3.84 -7.33 -21.96
C ASP A 35 -4.44 -8.50 -21.22
N ALA A 36 -4.84 -9.54 -21.96
CA ALA A 36 -5.58 -10.65 -21.36
C ALA A 36 -4.74 -11.39 -20.32
N THR A 37 -3.43 -11.53 -20.57
CA THR A 37 -2.60 -12.23 -19.59
C THR A 37 -2.55 -11.48 -18.28
N PHE A 38 -2.50 -10.14 -18.33
CA PHE A 38 -2.46 -9.36 -17.09
C PHE A 38 -3.80 -9.37 -16.37
N ILE A 39 -4.90 -9.36 -17.13
CA ILE A 39 -6.22 -9.48 -16.51
C ILE A 39 -6.34 -10.81 -15.78
N ALA A 40 -5.82 -11.88 -16.39
CA ALA A 40 -5.86 -13.20 -15.75
C ALA A 40 -5.05 -13.24 -14.47
N ILE A 41 -3.89 -12.58 -14.45
CA ILE A 41 -3.12 -12.47 -13.21
C ILE A 41 -3.92 -11.73 -12.16
N TYR A 42 -4.48 -10.58 -12.54
CA TYR A 42 -5.28 -9.79 -11.61
C TYR A 42 -6.39 -10.64 -11.01
N LYS A 43 -7.17 -11.31 -11.87
CA LYS A 43 -8.27 -12.13 -11.36
C LYS A 43 -7.79 -13.24 -10.45
N SER A 44 -6.61 -13.82 -10.74
CA SER A 44 -6.05 -14.86 -9.88
C SER A 44 -5.67 -14.35 -8.48
N LEU A 45 -5.60 -13.04 -8.27
CA LEU A 45 -5.18 -12.50 -6.98
C LEU A 45 -6.34 -11.95 -6.16
N ILE A 46 -7.58 -12.08 -6.62
CA ILE A 46 -8.72 -11.61 -5.84
C ILE A 46 -9.01 -12.62 -4.73
N PRO A 47 -9.10 -12.19 -3.47
CA PRO A 47 -9.27 -13.15 -2.37
C PRO A 47 -10.57 -13.91 -2.47
N ALA A 48 -10.54 -15.18 -2.04
CA ALA A 48 -11.74 -15.98 -1.99
C ALA A 48 -12.65 -15.52 -0.86
N GLU A 49 -13.96 -15.61 -1.09
CA GLU A 49 -14.92 -15.18 -0.07
C GLU A 49 -14.77 -15.99 1.21
N GLU A 50 -14.39 -17.27 1.09
CA GLU A 50 -14.15 -18.09 2.27
C GLU A 50 -13.03 -17.51 3.13
N GLU A 51 -11.98 -16.99 2.49
CA GLU A 51 -10.90 -16.37 3.25
C GLU A 51 -11.36 -15.11 3.95
N LEU A 52 -12.23 -14.32 3.29
CA LEU A 52 -12.76 -13.12 3.93
C LEU A 52 -13.64 -13.46 5.12
N GLU A 53 -14.37 -14.57 5.07
CA GLU A 53 -15.16 -14.99 6.22
C GLU A 53 -14.25 -15.36 7.40
N LYS A 54 -13.12 -16.00 7.11
CA LYS A 54 -12.17 -16.35 8.16
C LYS A 54 -11.53 -15.11 8.77
N GLN A 55 -11.30 -14.07 7.96
CA GLN A 55 -10.84 -12.79 8.52
C GLN A 55 -11.84 -12.25 9.53
N ARG A 56 -13.12 -12.25 9.17
CA ARG A 56 -14.14 -11.75 10.10
C ARG A 56 -14.20 -12.59 11.36
N GLN A 57 -13.99 -13.90 11.25
CA GLN A 57 -14.01 -14.76 12.43
C GLN A 57 -12.87 -14.42 13.37
N LEU A 58 -11.67 -14.20 12.84
CA LEU A 58 -10.55 -13.84 13.72
C LEU A 58 -10.75 -12.46 14.32
N MET A 59 -11.26 -11.50 13.54
CA MET A 59 -11.51 -10.16 14.08
C MET A 59 -12.50 -10.20 15.23
N ALA A 60 -13.58 -10.96 15.08
CA ALA A 60 -14.56 -11.08 16.16
C ALA A 60 -13.94 -11.76 17.38
N HIS A 61 -13.09 -12.75 17.15
CA HIS A 61 -12.38 -13.41 18.25
C HIS A 61 -11.48 -12.42 18.99
N LEU A 62 -10.71 -11.62 18.24
CA LEU A 62 -9.83 -10.65 18.87
C LEU A 62 -10.61 -9.56 19.58
N GLU A 63 -11.71 -9.11 18.97
CA GLU A 63 -12.56 -8.12 19.63
C GLU A 63 -13.04 -8.62 20.99
N ASN A 64 -13.43 -9.89 21.07
CA ASN A 64 -13.85 -10.47 22.33
C ASN A 64 -12.71 -10.46 23.34
N LEU A 65 -11.53 -10.95 22.93
CA LEU A 65 -10.37 -11.00 23.81
C LEU A 65 -10.05 -9.61 24.37
N VAL A 66 -9.90 -8.62 23.50
CA VAL A 66 -9.53 -7.28 23.93
C VAL A 66 -10.60 -6.69 24.83
N ALA A 67 -11.87 -7.04 24.60
CA ALA A 67 -12.95 -6.47 25.41
C ALA A 67 -12.84 -6.85 26.87
N LYS A 68 -12.22 -8.01 27.18
CA LYS A 68 -12.03 -8.38 28.58
C LYS A 68 -10.83 -7.70 29.20
N GLU A 69 -9.80 -7.40 28.41
CA GLU A 69 -8.60 -6.79 28.95
C GLU A 69 -8.76 -5.28 29.05
N TRP A 70 -9.18 -4.65 27.96
CA TRP A 70 -9.39 -3.20 27.91
C TRP A 70 -10.78 -2.97 27.36
N PRO A 71 -11.81 -2.99 28.22
CA PRO A 71 -13.18 -2.79 27.73
C PRO A 71 -13.37 -1.46 27.03
N HIS A 72 -12.54 -0.46 27.32
CA HIS A 72 -12.64 0.86 26.69
C HIS A 72 -11.93 0.93 25.34
N ALA A 73 -11.21 -0.12 24.94
CA ALA A 73 -10.55 -0.12 23.65
C ALA A 73 -11.54 -0.42 22.54
N LYS A 74 -11.18 -0.02 21.32
CA LYS A 74 -11.93 -0.36 20.12
C LYS A 74 -10.96 -0.80 19.05
N LEU A 75 -11.31 -1.85 18.32
CA LEU A 75 -10.46 -2.38 17.26
C LEU A 75 -10.96 -1.94 15.90
N TYR A 76 -10.04 -1.58 15.02
CA TYR A 76 -10.35 -1.18 13.65
C TYR A 76 -9.44 -1.94 12.70
N LEU A 77 -10.03 -2.48 11.64
CA LEU A 77 -9.24 -3.05 10.55
C LEU A 77 -8.66 -1.94 9.69
N TYR A 78 -7.46 -2.15 9.19
CA TYR A 78 -6.85 -1.23 8.25
C TYR A 78 -5.88 -2.01 7.36
N GLY A 79 -5.25 -1.30 6.43
CA GLY A 79 -4.28 -1.94 5.54
C GLY A 79 -4.94 -2.73 4.42
N SER A 80 -4.21 -3.74 3.94
CA SER A 80 -4.61 -4.47 2.74
C SER A 80 -5.95 -5.15 2.91
N CYS A 81 -6.29 -5.61 4.11
CA CYS A 81 -7.57 -6.31 4.24
C CYS A 81 -8.76 -5.36 4.24
N ALA A 82 -8.53 -4.05 4.31
CA ALA A 82 -9.61 -3.08 4.33
C ALA A 82 -9.55 -2.01 3.24
N ASN A 83 -8.49 -1.94 2.43
CA ASN A 83 -8.34 -0.85 1.47
C ASN A 83 -8.67 -1.25 0.03
N SER A 84 -9.14 -2.48 -0.20
CA SER A 84 -9.53 -3.09 -1.47
C SER A 84 -8.37 -3.78 -2.17
N PHE A 85 -7.13 -3.65 -1.68
CA PHE A 85 -5.96 -4.16 -2.39
C PHE A 85 -5.40 -5.46 -1.82
N GLY A 86 -6.18 -6.17 -1.00
CA GLY A 86 -5.66 -7.36 -0.35
C GLY A 86 -5.49 -8.53 -1.32
N PHE A 87 -4.43 -9.31 -1.09
CA PHE A 87 -4.14 -10.52 -1.84
C PHE A 87 -4.70 -11.72 -1.09
N PRO A 88 -4.75 -12.89 -1.73
CA PRO A 88 -5.06 -14.11 -0.95
C PRO A 88 -3.98 -14.32 0.11
N LYS A 89 -4.42 -14.75 1.28
CA LYS A 89 -3.55 -15.04 2.42
C LYS A 89 -2.83 -13.81 2.96
N SER A 90 -3.34 -12.61 2.68
CA SER A 90 -2.75 -11.40 3.24
C SER A 90 -3.09 -11.29 4.73
N ASP A 91 -2.12 -10.86 5.52
CA ASP A 91 -2.38 -10.64 6.94
C ASP A 91 -3.44 -9.56 7.11
N ILE A 92 -4.18 -9.65 8.22
CA ILE A 92 -5.09 -8.58 8.60
C ILE A 92 -4.36 -7.67 9.57
N ASP A 93 -4.55 -6.36 9.40
CA ASP A 93 -3.96 -5.36 10.27
C ASP A 93 -5.04 -4.77 11.15
N VAL A 94 -4.77 -4.70 12.46
CA VAL A 94 -5.74 -4.25 13.44
C VAL A 94 -5.16 -3.06 14.18
N CYS A 95 -5.90 -1.96 14.24
CA CYS A 95 -5.54 -0.81 15.06
C CYS A 95 -6.32 -0.90 16.37
N LEU A 96 -5.60 -1.01 17.48
CA LEU A 96 -6.20 -0.97 18.80
C LEU A 96 -6.21 0.48 19.25
N ALA A 97 -7.38 1.10 19.26
CA ALA A 97 -7.54 2.50 19.63
C ALA A 97 -8.00 2.57 21.09
N ILE A 98 -7.29 3.37 21.89
CA ILE A 98 -7.62 3.50 23.30
C ILE A 98 -7.32 4.94 23.73
N GLU A 99 -8.26 5.53 24.45
CA GLU A 99 -8.12 6.92 24.89
C GLU A 99 -7.17 7.02 26.07
N GLY A 100 -6.49 8.16 26.16
CA GLY A 100 -5.54 8.44 27.21
C GLY A 100 -4.38 9.24 26.69
N ASP A 101 -3.78 10.04 27.57
CA ASP A 101 -2.64 10.87 27.20
C ASP A 101 -1.30 10.28 27.63
N ASP A 102 -1.31 9.30 28.52
CA ASP A 102 -0.08 8.64 28.97
C ASP A 102 -0.07 7.17 28.55
N ILE A 103 -0.53 6.88 27.34
CA ILE A 103 -0.55 5.52 26.83
C ILE A 103 0.87 5.07 26.51
N ASN A 104 1.35 4.03 27.19
CA ASN A 104 2.63 3.41 26.88
C ASN A 104 2.34 2.20 26.01
N LYS A 105 2.59 2.34 24.70
CA LYS A 105 2.23 1.29 23.75
C LYS A 105 3.04 0.02 23.99
N SER A 106 4.30 0.14 24.42
CA SER A 106 5.12 -1.05 24.61
C SER A 106 4.62 -1.88 25.77
N GLU A 107 4.28 -1.24 26.89
CA GLU A 107 3.72 -1.98 28.02
C GLU A 107 2.39 -2.62 27.66
N MET A 108 1.56 -1.91 26.87
CA MET A 108 0.31 -2.47 26.41
C MET A 108 0.53 -3.68 25.52
N LEU A 109 1.45 -3.57 24.56
CA LEU A 109 1.64 -4.64 23.58
C LEU A 109 2.25 -5.87 24.24
N LEU A 110 3.10 -5.69 25.25
CA LEU A 110 3.65 -6.83 25.96
C LEU A 110 2.57 -7.55 26.76
N LYS A 111 1.66 -6.79 27.37
CA LYS A 111 0.52 -7.41 28.04
C LYS A 111 -0.36 -8.14 27.04
N LEU A 112 -0.58 -7.55 25.87
CA LEU A 112 -1.45 -8.16 24.88
C LEU A 112 -0.82 -9.43 24.30
N ALA A 113 0.50 -9.45 24.12
CA ALA A 113 1.15 -10.66 23.62
C ALA A 113 0.90 -11.83 24.57
N GLU A 114 0.97 -11.59 25.88
CA GLU A 114 0.73 -12.66 26.85
C GLU A 114 -0.73 -13.12 26.81
N ILE A 115 -1.66 -12.17 26.66
CA ILE A 115 -3.08 -12.52 26.56
C ILE A 115 -3.34 -13.34 25.32
N LEU A 116 -2.65 -13.03 24.22
CA LEU A 116 -2.83 -13.79 22.99
C LEU A 116 -2.28 -15.21 23.11
N GLU A 117 -1.10 -15.36 23.71
CA GLU A 117 -0.53 -16.69 23.91
C GLU A 117 -1.41 -17.55 24.81
N SER A 118 -1.93 -16.96 25.88
CA SER A 118 -2.77 -17.72 26.80
C SER A 118 -4.11 -18.11 26.19
N ASP A 119 -4.50 -17.47 25.09
CA ASP A 119 -5.68 -17.89 24.33
C ASP A 119 -5.33 -18.86 23.22
N ASN A 120 -4.09 -19.36 23.21
CA ASN A 120 -3.61 -20.39 22.29
C ASN A 120 -3.48 -19.88 20.85
N LEU A 121 -3.20 -18.60 20.67
CA LEU A 121 -2.75 -18.14 19.36
C LEU A 121 -1.26 -18.41 19.22
N GLN A 122 -0.81 -18.55 17.98
CA GLN A 122 0.51 -19.10 17.69
C GLN A 122 1.44 -18.02 17.13
N ASN A 123 2.74 -18.27 17.30
CA ASN A 123 3.80 -17.39 16.78
C ASN A 123 3.57 -15.94 17.18
N VAL A 124 3.28 -15.73 18.45
CA VAL A 124 3.03 -14.39 18.98
C VAL A 124 4.38 -13.70 19.17
N GLN A 125 4.57 -12.58 18.48
CA GLN A 125 5.81 -11.83 18.56
C GLN A 125 5.50 -10.37 18.81
N ALA A 126 6.14 -9.79 19.83
CA ALA A 126 5.95 -8.38 20.16
C ALA A 126 7.24 -7.63 19.83
N LEU A 127 7.14 -6.68 18.92
CA LEU A 127 8.24 -5.78 18.54
C LEU A 127 7.89 -4.40 19.09
N THR A 128 8.33 -4.13 20.31
CA THR A 128 7.99 -2.90 21.01
C THR A 128 9.06 -1.83 20.90
N ARG A 129 10.20 -2.14 20.27
CA ARG A 129 11.28 -1.19 20.07
C ARG A 129 11.35 -0.69 18.63
N ALA A 130 10.50 -1.20 17.75
CA ALA A 130 10.39 -0.69 16.38
C ALA A 130 9.77 0.70 16.38
N ARG A 131 9.92 1.39 15.25
CA ARG A 131 9.38 2.74 15.12
C ARG A 131 7.88 2.75 15.40
N VAL A 132 7.15 1.82 14.81
CA VAL A 132 5.74 1.62 15.15
C VAL A 132 5.65 0.28 15.88
N PRO A 133 5.53 0.29 17.21
CA PRO A 133 5.46 -0.97 17.95
C PRO A 133 4.30 -1.82 17.47
N ILE A 134 4.49 -3.14 17.49
CA ILE A 134 3.55 -4.04 16.83
C ILE A 134 3.63 -5.41 17.50
N VAL A 135 2.50 -6.10 17.56
CA VAL A 135 2.47 -7.51 17.94
C VAL A 135 1.88 -8.31 16.79
N LYS A 136 2.49 -9.45 16.50
CA LYS A 136 2.09 -10.33 15.41
C LYS A 136 1.60 -11.66 15.97
N LEU A 137 0.69 -12.30 15.23
CA LEU A 137 0.14 -13.56 15.68
C LEU A 137 -0.40 -14.33 14.48
N MET A 138 -0.59 -15.64 14.67
CA MET A 138 -1.23 -16.51 13.70
C MET A 138 -2.31 -17.29 14.41
N ASP A 139 -3.49 -17.36 13.81
CA ASP A 139 -4.62 -18.08 14.40
C ASP A 139 -4.71 -19.45 13.76
N PRO A 140 -4.43 -20.54 14.48
CA PRO A 140 -4.58 -21.88 13.88
C PRO A 140 -6.02 -22.26 13.57
N VAL A 141 -7.00 -21.60 14.17
CA VAL A 141 -8.40 -21.96 13.92
C VAL A 141 -8.84 -21.47 12.55
N THR A 142 -8.70 -20.17 12.28
CA THR A 142 -9.06 -19.61 10.99
C THR A 142 -7.92 -19.65 9.98
N GLY A 143 -6.70 -19.96 10.40
CA GLY A 143 -5.56 -19.87 9.52
C GLY A 143 -5.12 -18.47 9.16
N ILE A 144 -5.73 -17.44 9.74
CA ILE A 144 -5.42 -16.05 9.41
C ILE A 144 -4.33 -15.54 10.35
N SER A 145 -3.38 -14.79 9.79
CA SER A 145 -2.38 -14.10 10.59
C SER A 145 -2.71 -12.63 10.69
N CYS A 146 -2.25 -12.02 11.79
CA CYS A 146 -2.70 -10.69 12.17
C CYS A 146 -1.56 -9.92 12.81
N ALA A 147 -1.58 -8.60 12.62
CA ALA A 147 -0.67 -7.70 13.30
C ALA A 147 -1.48 -6.58 13.95
N ILE A 148 -1.12 -6.22 15.18
CA ILE A 148 -1.87 -5.26 15.98
C ILE A 148 -0.94 -4.11 16.37
N CYS A 149 -1.38 -2.88 16.13
CA CYS A 149 -0.70 -1.67 16.55
C CYS A 149 -1.63 -0.87 17.45
N ILE A 150 -1.04 0.03 18.27
CA ILE A 150 -1.79 0.83 19.23
C ILE A 150 -1.90 2.25 18.71
N ASN A 151 -3.14 2.71 18.53
CA ASN A 151 -3.42 4.13 18.27
C ASN A 151 -2.77 4.67 17.00
N ASN A 152 -2.54 3.85 15.98
CA ASN A 152 -2.14 4.41 14.69
C ASN A 152 -3.39 4.63 13.82
N VAL A 153 -4.22 5.55 14.30
CA VAL A 153 -5.52 5.83 13.69
C VAL A 153 -5.35 6.45 12.31
N LEU A 154 -4.23 7.15 12.08
CA LEU A 154 -3.96 7.71 10.76
C LEU A 154 -3.98 6.62 9.70
N ALA A 155 -3.51 5.41 10.04
CA ALA A 155 -3.52 4.31 9.10
C ALA A 155 -4.93 3.90 8.71
N VAL A 156 -5.89 4.03 9.63
CA VAL A 156 -7.28 3.75 9.30
C VAL A 156 -7.79 4.76 8.29
N VAL A 157 -7.33 6.02 8.41
CA VAL A 157 -7.82 7.07 7.51
C VAL A 157 -7.21 6.93 6.12
N ASN A 158 -5.91 6.65 6.02
CA ASN A 158 -5.34 6.47 4.68
C ASN A 158 -5.83 5.17 4.05
N THR A 159 -6.25 4.19 4.84
CA THR A 159 -6.91 3.01 4.29
C THR A 159 -8.22 3.39 3.62
N LYS A 160 -8.99 4.29 4.24
CA LYS A 160 -10.23 4.75 3.62
C LYS A 160 -9.95 5.52 2.34
N LEU A 161 -8.91 6.36 2.34
CA LEU A 161 -8.54 7.09 1.13
C LEU A 161 -8.23 6.14 -0.01
N LEU A 162 -7.41 5.12 0.25
CA LEU A 162 -7.08 4.16 -0.79
C LEU A 162 -8.32 3.38 -1.23
N ARG A 163 -9.16 2.98 -0.27
CA ARG A 163 -10.39 2.30 -0.62
C ARG A 163 -11.28 3.18 -1.49
N ASP A 164 -11.34 4.48 -1.20
CA ASP A 164 -12.16 5.37 -2.00
C ASP A 164 -11.58 5.53 -3.41
N TYR A 165 -10.26 5.66 -3.52
CA TYR A 165 -9.65 5.72 -4.86
C TYR A 165 -9.97 4.47 -5.66
N ALA A 166 -9.95 3.30 -5.00
CA ALA A 166 -10.19 2.05 -5.72
C ALA A 166 -11.60 1.95 -6.28
N GLN A 167 -12.56 2.71 -5.76
CA GLN A 167 -13.91 2.68 -6.32
C GLN A 167 -14.04 3.48 -7.61
N ILE A 168 -13.04 4.28 -7.96
CA ILE A 168 -13.19 5.21 -9.06
C ILE A 168 -12.98 4.53 -10.41
N ASP A 169 -12.00 3.63 -10.51
CA ASP A 169 -11.70 2.99 -11.78
C ASP A 169 -11.02 1.66 -11.49
N VAL A 170 -11.53 0.59 -12.11
CA VAL A 170 -11.03 -0.76 -11.86
C VAL A 170 -9.56 -0.91 -12.23
N ARG A 171 -9.04 -0.04 -13.11
CA ARG A 171 -7.64 -0.15 -13.52
C ARG A 171 -6.67 0.16 -12.37
N LEU A 172 -7.11 0.82 -11.31
CA LEU A 172 -6.23 1.05 -10.16
C LEU A 172 -5.92 -0.27 -9.45
N ARG A 173 -6.95 -1.04 -9.11
CA ARG A 173 -6.72 -2.33 -8.49
C ARG A 173 -5.97 -3.27 -9.44
N GLN A 174 -6.29 -3.24 -10.72
CA GLN A 174 -5.58 -4.07 -11.70
C GLN A 174 -4.09 -3.74 -11.71
N LEU A 175 -3.74 -2.47 -11.88
CA LEU A 175 -2.34 -2.09 -11.92
C LEU A 175 -1.65 -2.40 -10.59
N ALA A 176 -2.30 -2.04 -9.48
CA ALA A 176 -1.69 -2.26 -8.16
C ALA A 176 -1.48 -3.74 -7.89
N PHE A 177 -2.40 -4.59 -8.34
CA PHE A 177 -2.21 -6.03 -8.15
C PHE A 177 -1.00 -6.53 -8.93
N ILE A 178 -0.84 -6.08 -10.18
CA ILE A 178 0.31 -6.51 -10.96
C ILE A 178 1.61 -6.04 -10.30
N VAL A 179 1.63 -4.78 -9.87
CA VAL A 179 2.85 -4.21 -9.30
C VAL A 179 3.19 -4.88 -7.98
N LYS A 180 2.19 -5.08 -7.10
CA LYS A 180 2.45 -5.75 -5.83
C LYS A 180 2.88 -7.21 -6.05
N HIS A 181 2.24 -7.90 -6.98
CA HIS A 181 2.65 -9.27 -7.27
C HIS A 181 4.06 -9.29 -7.84
N TRP A 182 4.37 -8.36 -8.73
CA TRP A 182 5.72 -8.23 -9.26
C TRP A 182 6.72 -8.00 -8.14
N ALA A 183 6.42 -7.06 -7.23
CA ALA A 183 7.38 -6.74 -6.17
C ALA A 183 7.65 -7.94 -5.28
N LYS A 184 6.60 -8.71 -4.97
CA LYS A 184 6.79 -9.93 -4.20
C LYS A 184 7.62 -10.94 -4.97
N SER A 185 7.29 -11.15 -6.26
CA SER A 185 8.01 -12.13 -7.06
C SER A 185 9.49 -11.77 -7.20
N ARG A 186 9.81 -10.48 -7.28
CA ARG A 186 11.18 -10.05 -7.48
C ARG A 186 11.88 -9.66 -6.18
N ARG A 187 11.26 -9.92 -5.03
CA ARG A 187 11.87 -9.72 -3.71
C ARG A 187 12.27 -8.26 -3.48
N VAL A 188 11.35 -7.34 -3.77
CA VAL A 188 11.58 -5.93 -3.46
C VAL A 188 10.37 -5.36 -2.74
N ASN A 189 9.79 -6.14 -1.82
CA ASN A 189 8.55 -5.77 -1.13
C ASN A 189 8.69 -5.96 0.38
N GLU A 190 9.84 -5.60 0.96
CA GLU A 190 10.05 -5.80 2.39
C GLU A 190 10.86 -4.63 2.96
N THR A 191 10.21 -3.78 3.75
CA THR A 191 10.89 -2.60 4.30
C THR A 191 12.04 -3.00 5.22
N TYR A 192 11.91 -4.14 5.91
CA TYR A 192 12.98 -4.65 6.76
C TYR A 192 14.25 -4.94 5.97
N GLN A 193 14.13 -5.18 4.66
CA GLN A 193 15.29 -5.41 3.80
C GLN A 193 15.60 -4.19 2.93
N GLY A 194 15.01 -3.05 3.22
CA GLY A 194 15.31 -1.84 2.50
C GLY A 194 14.53 -1.62 1.23
N THR A 195 13.44 -2.35 1.00
CA THR A 195 12.61 -2.10 -0.18
C THR A 195 11.22 -1.64 0.28
N LEU A 196 10.28 -1.56 -0.65
CA LEU A 196 9.09 -0.74 -0.46
C LEU A 196 7.90 -1.55 0.05
N SER A 197 7.11 -0.93 0.92
CA SER A 197 5.87 -1.52 1.42
C SER A 197 4.81 -1.59 0.32
N SER A 198 3.87 -2.52 0.48
CA SER A 198 2.72 -2.56 -0.42
C SER A 198 1.97 -1.24 -0.44
N TYR A 199 1.86 -0.58 0.71
CA TYR A 199 1.19 0.72 0.77
C TYR A 199 1.90 1.73 -0.12
N ALA A 200 3.23 1.76 -0.07
CA ALA A 200 3.98 2.65 -0.97
C ALA A 200 3.71 2.32 -2.44
N TYR A 201 3.68 1.04 -2.79
CA TYR A 201 3.42 0.69 -4.19
C TYR A 201 2.03 1.15 -4.62
N VAL A 202 1.05 1.07 -3.73
CA VAL A 202 -0.30 1.49 -4.13
C VAL A 202 -0.34 3.00 -4.34
N LEU A 203 0.33 3.76 -3.48
CA LEU A 203 0.44 5.20 -3.69
C LEU A 203 1.11 5.53 -5.03
N MET A 204 2.19 4.83 -5.36
CA MET A 204 2.83 5.03 -6.65
C MET A 204 1.86 4.75 -7.79
N CYS A 205 1.05 3.70 -7.67
CA CYS A 205 0.08 3.37 -8.70
C CYS A 205 -0.99 4.45 -8.82
N ILE A 206 -1.49 4.95 -7.69
CA ILE A 206 -2.45 6.04 -7.72
C ILE A 206 -1.86 7.25 -8.43
N HIS A 207 -0.64 7.63 -8.06
CA HIS A 207 -0.01 8.81 -8.63
C HIS A 207 0.18 8.65 -10.13
N PHE A 208 0.62 7.46 -10.56
CA PHE A 208 0.80 7.22 -11.99
C PHE A 208 -0.51 7.39 -12.76
N LEU A 209 -1.62 6.88 -12.21
CA LEU A 209 -2.89 7.01 -12.91
C LEU A 209 -3.44 8.43 -12.85
N GLN A 210 -3.08 9.19 -11.82
CA GLN A 210 -3.45 10.61 -11.76
C GLN A 210 -2.80 11.41 -12.87
N GLN A 211 -1.64 10.98 -13.34
CA GLN A 211 -0.85 11.73 -14.30
C GLN A 211 -1.09 11.32 -15.75
N ARG A 212 -1.95 10.34 -16.00
CA ARG A 212 -2.26 10.00 -17.38
C ARG A 212 -2.99 11.16 -18.05
N ARG A 213 -2.97 11.16 -19.38
CA ARG A 213 -3.62 12.20 -20.18
C ARG A 213 -4.57 11.55 -21.17
N PRO A 214 -5.89 11.62 -20.94
CA PRO A 214 -6.51 12.23 -19.75
C PRO A 214 -6.33 11.36 -18.51
N PRO A 215 -6.49 11.94 -17.32
CA PRO A 215 -6.27 11.18 -16.09
C PRO A 215 -7.28 10.06 -15.90
N ILE A 216 -6.79 8.95 -15.33
CA ILE A 216 -7.64 7.84 -14.95
C ILE A 216 -8.20 8.03 -13.54
N LEU A 217 -7.44 8.69 -12.65
CA LEU A 217 -7.90 9.05 -11.32
C LEU A 217 -7.80 10.56 -11.12
N PRO A 218 -8.72 11.15 -10.35
CA PRO A 218 -8.58 12.56 -9.98
C PRO A 218 -7.63 12.71 -8.80
N CYS A 219 -7.44 13.95 -8.37
CA CYS A 219 -6.76 14.27 -7.12
C CYS A 219 -7.84 14.62 -6.11
N LEU A 220 -8.25 13.63 -5.30
CA LEU A 220 -9.39 13.85 -4.42
C LEU A 220 -9.12 14.92 -3.37
N GLN A 221 -7.85 15.04 -2.94
CA GLN A 221 -7.54 16.04 -1.91
C GLN A 221 -7.53 17.46 -2.44
N GLU A 222 -7.43 17.65 -3.77
CA GLU A 222 -7.52 18.98 -4.34
C GLU A 222 -8.94 19.42 -4.65
N MET A 223 -9.88 18.48 -4.75
CA MET A 223 -11.26 18.79 -5.07
C MET A 223 -11.97 19.41 -3.86
N GLU A 224 -13.12 20.02 -4.12
CA GLU A 224 -13.96 20.55 -3.05
C GLU A 224 -14.32 19.41 -2.11
N PRO A 225 -13.97 19.48 -0.83
CA PRO A 225 -14.05 18.29 0.03
C PRO A 225 -15.46 17.99 0.52
N THR A 226 -15.68 16.72 0.83
CA THR A 226 -16.89 16.26 1.49
C THR A 226 -16.59 15.50 2.78
N TYR A 227 -15.32 15.39 3.16
CA TYR A 227 -14.92 14.63 4.32
C TYR A 227 -13.70 15.30 4.95
N SER A 228 -13.70 15.41 6.27
CA SER A 228 -12.55 15.97 6.96
C SER A 228 -12.52 15.46 8.40
N VAL A 229 -11.41 14.85 8.80
CA VAL A 229 -11.19 14.45 10.19
C VAL A 229 -9.80 14.90 10.61
N ARG A 230 -9.63 15.07 11.91
CA ARG A 230 -8.34 15.40 12.50
C ARG A 230 -7.90 14.25 13.39
N VAL A 231 -6.71 13.72 13.14
CA VAL A 231 -6.06 12.75 14.01
C VAL A 231 -4.73 13.35 14.45
N ASP A 232 -4.50 13.36 15.75
CA ASP A 232 -3.37 14.08 16.35
C ASP A 232 -3.54 15.54 15.95
N ASN A 233 -2.54 16.18 15.35
CA ASN A 233 -2.68 17.55 14.85
C ASN A 233 -2.67 17.58 13.32
N ILE A 234 -3.13 16.50 12.69
CA ILE A 234 -3.13 16.37 11.23
C ILE A 234 -4.57 16.28 10.76
N ARG A 235 -4.97 17.22 9.91
CA ARG A 235 -6.31 17.21 9.33
C ARG A 235 -6.25 16.48 7.98
N CYS A 236 -7.22 15.59 7.77
CA CYS A 236 -7.29 14.77 6.56
C CYS A 236 -8.60 15.16 5.84
N THR A 237 -8.48 15.81 4.69
CA THR A 237 -9.60 16.43 4.00
C THR A 237 -9.56 16.09 2.53
N TYR A 238 -10.69 15.60 1.99
CA TYR A 238 -10.77 15.33 0.56
C TYR A 238 -12.23 15.07 0.17
N PHE A 239 -12.42 14.92 -1.14
CA PHE A 239 -13.72 14.58 -1.70
C PHE A 239 -13.86 13.05 -1.67
N ASP A 240 -14.75 12.55 -0.81
CA ASP A 240 -14.90 11.11 -0.64
C ASP A 240 -16.23 10.58 -1.19
N ASN A 241 -17.02 11.43 -1.86
CA ASN A 241 -18.28 11.01 -2.47
C ASN A 241 -18.01 10.34 -3.83
N VAL A 242 -17.17 9.31 -3.79
CA VAL A 242 -16.62 8.74 -5.02
C VAL A 242 -17.65 8.01 -5.87
N ASP A 243 -18.87 7.81 -5.38
CA ASP A 243 -19.93 7.29 -6.25
C ASP A 243 -20.21 8.25 -7.40
N ARG A 244 -20.01 9.55 -7.19
CA ARG A 244 -20.20 10.51 -8.26
C ARG A 244 -19.13 10.44 -9.34
N LEU A 245 -18.06 9.67 -9.11
CA LEU A 245 -16.90 9.64 -10.00
C LEU A 245 -16.70 8.28 -10.66
N ARG A 246 -17.72 7.40 -10.64
CA ARG A 246 -17.54 6.04 -11.12
C ARG A 246 -17.14 5.97 -12.58
N ASN A 247 -17.42 7.01 -13.36
CA ASN A 247 -17.05 7.07 -14.76
C ASN A 247 -16.01 8.17 -15.03
N PHE A 248 -15.26 8.57 -13.99
CA PHE A 248 -14.28 9.65 -14.18
C PHE A 248 -13.24 9.30 -15.24
N GLY A 249 -12.76 8.06 -15.23
CA GLY A 249 -11.70 7.67 -16.14
C GLY A 249 -12.14 7.23 -17.54
N SER A 250 -13.42 7.42 -17.88
CA SER A 250 -13.93 6.89 -19.15
C SER A 250 -13.32 7.58 -20.36
N ASN A 251 -12.82 8.81 -20.20
CA ASN A 251 -12.17 9.50 -21.32
C ASN A 251 -10.80 8.91 -21.64
N ASN A 252 -10.22 8.14 -20.73
CA ASN A 252 -8.95 7.47 -20.95
C ASN A 252 -9.22 6.01 -21.31
N ARG A 253 -8.72 5.58 -22.46
CA ARG A 253 -9.00 4.24 -22.97
C ARG A 253 -7.78 3.33 -22.91
N GLU A 254 -6.77 3.69 -22.11
CA GLU A 254 -5.58 2.85 -21.98
C GLU A 254 -5.94 1.53 -21.29
N THR A 255 -5.35 0.44 -21.77
CA THR A 255 -5.59 -0.90 -21.24
C THR A 255 -4.52 -1.26 -20.21
N ILE A 256 -4.70 -2.42 -19.56
CA ILE A 256 -3.84 -2.77 -18.42
C ILE A 256 -2.39 -2.94 -18.86
N ALA A 257 -2.14 -3.59 -20.00
CA ALA A 257 -0.75 -3.80 -20.41
C ALA A 257 -0.07 -2.47 -20.74
N GLU A 258 -0.82 -1.54 -21.34
CA GLU A 258 -0.29 -0.19 -21.55
C GLU A 258 0.12 0.47 -20.24
N LEU A 259 -0.71 0.32 -19.20
CA LEU A 259 -0.44 0.97 -17.94
C LEU A 259 0.71 0.30 -17.20
N VAL A 260 0.84 -1.02 -17.31
CA VAL A 260 1.96 -1.71 -16.69
C VAL A 260 3.27 -1.28 -17.35
N TRP A 261 3.30 -1.25 -18.69
CA TRP A 261 4.50 -0.75 -19.38
C TRP A 261 4.81 0.67 -18.96
N GLY A 262 3.78 1.53 -18.91
CA GLY A 262 4.00 2.93 -18.58
C GLY A 262 4.47 3.15 -17.16
N PHE A 263 3.94 2.35 -16.22
CA PHE A 263 4.36 2.46 -14.83
C PHE A 263 5.84 2.13 -14.67
N PHE A 264 6.27 1.01 -15.22
CA PHE A 264 7.68 0.63 -15.06
C PHE A 264 8.59 1.50 -15.89
N ASN A 265 8.12 1.97 -17.05
CA ASN A 265 8.92 2.91 -17.83
C ASN A 265 9.17 4.20 -17.05
N TYR A 266 8.15 4.68 -16.31
CA TYR A 266 8.33 5.87 -15.49
C TYR A 266 9.42 5.66 -14.45
N TRP A 267 9.27 4.62 -13.63
CA TRP A 267 10.20 4.43 -12.52
C TRP A 267 11.58 4.02 -13.01
N ALA A 268 11.66 3.37 -14.16
CA ALA A 268 12.96 2.95 -14.68
C ALA A 268 13.71 4.13 -15.30
N TYR A 269 13.05 4.94 -16.11
CA TYR A 269 13.75 5.89 -16.97
C TYR A 269 13.32 7.33 -16.82
N ALA A 270 12.13 7.63 -16.33
CA ALA A 270 11.64 9.00 -16.29
C ALA A 270 11.79 9.66 -14.92
N HIS A 271 11.56 8.92 -13.84
CA HIS A 271 11.58 9.52 -12.52
C HIS A 271 12.95 10.11 -12.21
N ASP A 272 12.97 11.37 -11.76
CA ASP A 272 14.21 12.03 -11.37
C ASP A 272 14.47 11.72 -9.90
N TYR A 273 15.33 10.73 -9.65
CA TYR A 273 15.53 10.26 -8.29
C TYR A 273 16.21 11.29 -7.41
N ALA A 274 17.05 12.14 -8.00
CA ALA A 274 17.79 13.09 -7.19
C ALA A 274 16.95 14.28 -6.73
N TYR A 275 15.89 14.62 -7.46
CA TYR A 275 15.22 15.91 -7.24
C TYR A 275 13.70 15.86 -7.10
N ASN A 276 13.03 14.75 -7.40
CA ASN A 276 11.59 14.78 -7.56
C ASN A 276 10.89 13.92 -6.51
N VAL A 277 9.65 14.32 -6.20
CA VAL A 277 8.82 13.68 -5.18
C VAL A 277 7.46 13.44 -5.81
N VAL A 278 6.97 12.20 -5.73
CA VAL A 278 5.63 11.90 -6.24
C VAL A 278 4.62 12.12 -5.13
N SER A 279 3.56 12.87 -5.43
CA SER A 279 2.61 13.35 -4.43
C SER A 279 1.18 13.02 -4.84
N VAL A 280 0.63 11.95 -4.25
CA VAL A 280 -0.80 11.65 -4.41
C VAL A 280 -1.64 12.79 -3.87
N ARG A 281 -1.18 13.47 -2.81
CA ARG A 281 -1.93 14.56 -2.21
C ARG A 281 -2.22 15.66 -3.21
N THR A 282 -1.26 15.96 -4.09
CA THR A 282 -1.44 17.02 -5.07
C THR A 282 -1.60 16.53 -6.50
N GLY A 283 -1.44 15.23 -6.74
CA GLY A 283 -1.49 14.70 -8.10
C GLY A 283 -0.39 15.23 -8.99
N SER A 284 0.71 15.69 -8.40
CA SER A 284 1.76 16.37 -9.16
C SER A 284 3.11 15.87 -8.66
N ILE A 285 4.17 16.40 -9.25
CA ILE A 285 5.54 16.09 -8.85
C ILE A 285 6.08 17.29 -8.08
N LEU A 286 6.56 17.05 -6.87
CA LEU A 286 7.14 18.11 -6.05
C LEU A 286 8.66 17.99 -6.07
N GLY A 287 9.31 19.07 -5.62
CA GLY A 287 10.76 19.06 -5.52
C GLY A 287 11.23 18.60 -4.15
N LYS A 288 12.38 17.93 -4.13
CA LYS A 288 12.98 17.54 -2.86
C LYS A 288 13.34 18.76 -2.02
N ARG A 289 13.95 19.77 -2.65
CA ARG A 289 14.30 20.99 -1.92
C ARG A 289 13.06 21.64 -1.34
N GLU A 290 11.99 21.73 -2.13
CA GLU A 290 10.75 22.31 -1.63
C GLU A 290 10.20 21.54 -0.44
N LYS A 291 10.43 20.23 -0.39
CA LYS A 291 9.98 19.40 0.72
C LYS A 291 10.97 19.33 1.88
N ASP A 292 12.14 19.94 1.74
CA ASP A 292 13.23 19.82 2.72
C ASP A 292 13.65 18.36 2.90
N TRP A 293 13.67 17.63 1.78
CA TRP A 293 14.08 16.23 1.77
C TRP A 293 15.39 16.04 1.00
N THR A 294 16.25 17.07 0.99
CA THR A 294 17.43 17.03 0.14
C THR A 294 18.48 16.05 0.65
N ARG A 295 18.55 15.82 1.95
CA ARG A 295 19.53 14.91 2.52
C ARG A 295 18.88 14.07 3.60
N ARG A 296 19.57 12.98 3.98
CA ARG A 296 19.10 12.14 5.07
C ARG A 296 19.06 12.92 6.37
N VAL A 297 17.98 12.73 7.12
CA VAL A 297 17.81 13.38 8.42
C VAL A 297 17.52 12.32 9.48
N ASP A 300 15.85 8.91 8.37
CA ASP A 300 15.02 9.33 7.24
C ASP A 300 15.87 9.63 6.01
N ARG A 301 16.12 8.61 5.19
CA ARG A 301 16.73 8.82 3.89
C ARG A 301 15.67 9.27 2.90
N HIS A 302 16.13 9.81 1.76
CA HIS A 302 15.22 10.38 0.77
C HIS A 302 15.74 10.08 -0.64
N LEU A 303 15.87 8.79 -0.94
CA LEU A 303 16.45 8.35 -2.21
C LEU A 303 15.41 8.01 -3.26
N ILE A 304 14.16 7.80 -2.86
CA ILE A 304 13.06 7.58 -3.81
C ILE A 304 11.79 8.11 -3.15
N CYS A 305 11.48 9.38 -3.44
CA CYS A 305 10.61 10.16 -2.57
C CYS A 305 9.14 9.96 -2.93
N ILE A 306 8.38 9.45 -1.96
CA ILE A 306 6.96 9.15 -2.09
C ILE A 306 6.26 9.78 -0.89
N GLU A 307 5.53 10.87 -1.12
CA GLU A 307 4.93 11.61 -0.02
C GLU A 307 3.65 10.92 0.46
N ASP A 308 3.57 10.69 1.77
CA ASP A 308 2.32 10.21 2.34
C ASP A 308 1.25 11.29 2.17
N PRO A 309 0.04 10.92 1.74
CA PRO A 309 -0.97 11.96 1.42
C PRO A 309 -1.42 12.77 2.62
N PHE A 310 -1.40 12.20 3.83
CA PHE A 310 -1.88 12.90 5.02
C PHE A 310 -0.77 13.32 5.96
N GLU A 311 0.17 12.42 6.24
CA GLU A 311 1.34 12.76 7.05
C GLU A 311 2.45 13.19 6.08
N THR A 312 2.39 14.45 5.67
CA THR A 312 3.21 14.90 4.54
C THR A 312 4.68 14.98 4.88
N SER A 313 5.06 14.96 6.16
CA SER A 313 6.47 14.89 6.53
C SER A 313 7.05 13.49 6.36
N HIS A 314 6.22 12.50 6.08
CA HIS A 314 6.66 11.11 5.98
C HIS A 314 6.89 10.76 4.51
N ASP A 315 8.15 10.47 4.18
CA ASP A 315 8.55 9.95 2.88
C ASP A 315 8.52 8.42 2.96
N LEU A 316 7.60 7.79 2.23
CA LEU A 316 7.46 6.35 2.32
C LEU A 316 8.66 5.61 1.76
N GLY A 317 9.49 6.27 0.96
CA GLY A 317 10.69 5.64 0.49
C GLY A 317 11.86 5.69 1.45
N ARG A 318 11.68 6.29 2.63
CA ARG A 318 12.80 6.47 3.56
C ARG A 318 13.37 5.15 4.06
N VAL A 319 12.64 4.04 3.88
CA VAL A 319 13.18 2.72 4.21
C VAL A 319 14.27 2.29 3.25
N VAL A 320 14.34 2.88 2.05
CA VAL A 320 15.32 2.50 1.04
C VAL A 320 16.64 3.18 1.36
N ASP A 321 17.75 2.42 1.27
CA ASP A 321 19.06 2.99 1.58
C ASP A 321 19.94 2.99 0.33
N LYS A 322 21.18 3.45 0.51
CA LYS A 322 22.09 3.64 -0.62
C LYS A 322 22.45 2.33 -1.30
N PHE A 323 22.18 1.19 -0.65
CA PHE A 323 22.40 -0.11 -1.28
C PHE A 323 21.15 -0.60 -2.00
N SER A 324 20.01 -0.64 -1.29
CA SER A 324 18.80 -1.20 -1.87
C SER A 324 18.24 -0.34 -3.00
N ILE A 325 18.56 0.96 -3.04
CA ILE A 325 18.08 1.79 -4.15
C ILE A 325 18.60 1.27 -5.48
N ARG A 326 19.83 0.76 -5.48
CA ARG A 326 20.40 0.24 -6.72
C ARG A 326 19.65 -1.01 -7.18
N VAL A 327 19.24 -1.84 -6.23
CA VAL A 327 18.50 -3.05 -6.57
C VAL A 327 17.12 -2.71 -7.09
N LEU A 328 16.45 -1.75 -6.44
CA LEU A 328 15.14 -1.31 -6.88
C LEU A 328 15.20 -0.78 -8.32
N ARG A 329 16.15 0.12 -8.59
CA ARG A 329 16.24 0.70 -9.92
C ARG A 329 16.60 -0.36 -10.96
N GLU A 330 17.48 -1.30 -10.60
CA GLU A 330 17.80 -2.38 -11.52
C GLU A 330 16.56 -3.20 -11.86
N GLU A 331 15.71 -3.48 -10.85
CA GLU A 331 14.50 -4.25 -11.09
C GLU A 331 13.48 -3.44 -11.90
N PHE A 332 13.39 -2.13 -11.66
CA PHE A 332 12.52 -1.28 -12.50
C PHE A 332 12.94 -1.36 -13.96
N GLU A 333 14.26 -1.27 -14.23
CA GLU A 333 14.73 -1.30 -15.60
C GLU A 333 14.47 -2.64 -16.25
N ARG A 334 14.69 -3.74 -15.51
CA ARG A 334 14.36 -5.06 -16.01
C ARG A 334 12.89 -5.14 -16.39
N ALA A 335 12.01 -4.61 -15.52
CA ALA A 335 10.58 -4.67 -15.76
C ALA A 335 10.18 -3.85 -16.99
N ALA A 336 10.73 -2.64 -17.10
CA ALA A 336 10.39 -1.79 -18.24
C ALA A 336 10.84 -2.42 -19.54
N ARG A 337 12.05 -2.98 -19.56
CA ARG A 337 12.58 -3.56 -20.80
C ARG A 337 11.82 -4.82 -21.18
N ILE A 338 11.43 -5.63 -20.20
CA ILE A 338 10.59 -6.79 -20.47
C ILE A 338 9.26 -6.35 -21.06
N MET A 339 8.63 -5.34 -20.44
CA MET A 339 7.33 -4.87 -20.92
C MET A 339 7.43 -4.34 -22.34
N HIS A 340 8.57 -3.78 -22.71
CA HIS A 340 8.69 -3.16 -24.02
C HIS A 340 9.04 -4.15 -25.12
N GLN A 341 9.83 -5.19 -24.82
CA GLN A 341 10.47 -5.99 -25.85
C GLN A 341 10.20 -7.48 -25.78
N ASP A 342 9.84 -8.02 -24.63
CA ASP A 342 9.73 -9.47 -24.52
C ASP A 342 8.49 -9.97 -25.25
N PRO A 343 8.57 -11.15 -25.90
CA PRO A 343 7.39 -11.68 -26.59
C PRO A 343 6.34 -12.26 -25.65
N ASN A 344 6.67 -12.55 -24.39
CA ASN A 344 5.71 -13.01 -23.39
C ASN A 344 5.93 -12.23 -22.11
N PRO A 345 5.60 -10.93 -22.12
CA PRO A 345 6.06 -10.05 -21.03
C PRO A 345 5.43 -10.35 -19.68
N CYS A 346 4.16 -10.76 -19.64
CA CYS A 346 3.55 -11.00 -18.33
C CYS A 346 4.25 -12.12 -17.58
N ALA A 347 4.45 -13.26 -18.23
CA ALA A 347 5.12 -14.37 -17.57
C ALA A 347 6.57 -14.04 -17.25
N LYS A 348 7.28 -13.42 -18.19
CA LYS A 348 8.68 -13.09 -17.95
C LYS A 348 8.83 -12.08 -16.82
N LEU A 349 7.99 -11.04 -16.81
CA LEU A 349 8.06 -10.02 -15.77
C LEU A 349 8.01 -10.63 -14.37
N LEU A 350 7.17 -11.64 -14.18
CA LEU A 350 6.90 -12.20 -12.87
C LEU A 350 7.78 -13.39 -12.52
N GLU A 351 8.73 -13.74 -13.39
CA GLU A 351 9.63 -14.85 -13.06
C GLU A 351 10.39 -14.51 -11.78
N PRO A 352 10.57 -15.47 -10.88
CA PRO A 352 11.28 -15.18 -9.63
C PRO A 352 12.75 -14.90 -9.90
N TYR A 353 13.34 -14.06 -9.05
CA TYR A 353 14.78 -13.87 -9.13
C TYR A 353 15.47 -15.09 -8.52
N ILE A 354 16.37 -15.70 -9.28
CA ILE A 354 17.11 -16.87 -8.84
C ILE A 354 18.61 -16.56 -8.96
N PRO A 355 19.28 -16.27 -7.84
CA PRO A 355 20.73 -16.07 -7.83
C PRO A 355 21.50 -17.32 -8.23
#